data_3W94
#
_entry.id   3W94
#
_cell.length_a   48.470
_cell.length_b   71.641
_cell.length_c   134.433
_cell.angle_alpha   90.00
_cell.angle_beta   90.00
_cell.angle_gamma   90.00
#
_symmetry.space_group_name_H-M   'P 21 21 21'
#
loop_
_entity.id
_entity.type
_entity.pdbx_description
1 polymer Enteropeptidase-1
2 water water
#
_entity_poly.entity_id   1
_entity_poly.type   'polypeptide(L)'
_entity_poly.pdbx_seq_one_letter_code
;VVGGVNAEKGAWPWMVSLHWRGRHGCGASLIGRDWLLTAAHCVYGKNTHLQYWSAVLGLHAQSSMNSQEVQIRQVDRIII
NKNYNRRTKEADIAMMHLQQPVNFTEWVLPVCLASEDQHFPAGRRCFIAGWGRDAEGGSLPDILQEAEVPLVDQDECQRL
LPEYTFTSSMLCAGYPEGGVDSCQGDSGGPLMCLEDARWTLIGVTSFGVGCGRPERPGAYARVSAFTSWIAETRR
;
_entity_poly.pdbx_strand_id   A,B
#
# COMPACT_ATOMS: atom_id res chain seq x y z
N VAL A 1 -15.17 -5.15 -13.80
CA VAL A 1 -15.86 -4.81 -12.53
C VAL A 1 -17.01 -3.84 -12.74
N VAL A 2 -18.20 -4.21 -12.28
CA VAL A 2 -19.37 -3.32 -12.41
C VAL A 2 -19.62 -2.65 -11.06
N GLY A 3 -20.10 -1.41 -11.09
CA GLY A 3 -20.42 -0.68 -9.86
C GLY A 3 -19.19 -0.22 -9.10
N GLY A 4 -18.09 0.00 -9.81
CA GLY A 4 -16.86 0.39 -9.18
C GLY A 4 -16.40 1.76 -9.63
N VAL A 5 -15.12 2.07 -9.42
CA VAL A 5 -14.58 3.38 -9.73
C VAL A 5 -13.12 3.20 -10.18
N ASN A 6 -12.56 4.20 -10.88
CA ASN A 6 -11.15 4.19 -11.23
C ASN A 6 -10.25 3.94 -10.02
N ALA A 7 -9.39 2.94 -10.07
CA ALA A 7 -8.38 2.80 -9.04
C ALA A 7 -7.34 3.88 -9.27
N GLU A 8 -6.72 4.37 -8.20
CA GLU A 8 -5.56 5.25 -8.33
C GLU A 8 -4.32 4.44 -8.73
N LYS A 9 -3.34 5.13 -9.30
CA LYS A 9 -2.06 4.52 -9.61
C LYS A 9 -1.40 4.01 -8.34
N GLY A 10 -0.96 2.75 -8.36
CA GLY A 10 -0.32 2.14 -7.21
C GLY A 10 -1.28 1.72 -6.10
N ALA A 11 -2.57 1.79 -6.35
CA ALA A 11 -3.57 1.42 -5.34
C ALA A 11 -3.46 -0.04 -4.94
N TRP A 12 -3.25 -0.90 -5.94
CA TRP A 12 -3.20 -2.35 -5.73
C TRP A 12 -1.97 -2.88 -6.43
N PRO A 13 -0.81 -2.76 -5.79
CA PRO A 13 0.46 -3.05 -6.48
C PRO A 13 0.71 -4.54 -6.76
N TRP A 14 -0.16 -5.42 -6.25
CA TRP A 14 -0.10 -6.84 -6.59
C TRP A 14 -0.99 -7.20 -7.77
N MET A 15 -1.79 -6.23 -8.22
CA MET A 15 -2.69 -6.46 -9.34
C MET A 15 -1.92 -6.60 -10.65
N VAL A 16 -2.14 -7.69 -11.38
CA VAL A 16 -1.52 -7.84 -12.69
C VAL A 16 -2.50 -8.14 -13.82
N SER A 17 -2.19 -7.58 -14.99
CA SER A 17 -2.94 -7.84 -16.21
C SER A 17 -2.18 -8.91 -16.98
N LEU A 18 -2.85 -10.02 -17.25
CA LEU A 18 -2.26 -11.07 -18.06
C LEU A 18 -2.58 -10.82 -19.53
N HIS A 19 -1.56 -10.40 -20.28
CA HIS A 19 -1.72 -10.28 -21.72
C HIS A 19 -1.42 -11.61 -22.37
N TRP A 20 -2.18 -11.96 -23.41
CA TRP A 20 -1.92 -13.18 -24.16
C TRP A 20 -2.11 -12.84 -25.64
N ARG A 21 -1.06 -13.06 -26.43
CA ARG A 21 -1.00 -12.62 -27.82
C ARG A 21 -1.33 -11.13 -27.98
N GLY A 22 -0.85 -10.33 -27.03
CA GLY A 22 -0.90 -8.89 -27.14
C GLY A 22 -2.11 -8.21 -26.51
N ARG A 23 -2.96 -8.97 -25.81
CA ARG A 23 -4.21 -8.43 -25.25
C ARG A 23 -4.48 -8.90 -23.81
N HIS A 24 -4.98 -8.00 -22.96
CA HIS A 24 -5.47 -8.39 -21.65
C HIS A 24 -6.53 -9.48 -21.80
N GLY A 25 -6.37 -10.58 -21.08
CA GLY A 25 -7.34 -11.67 -21.12
C GLY A 25 -7.80 -12.15 -19.75
N CYS A 26 -7.07 -11.78 -18.71
CA CYS A 26 -7.42 -12.15 -17.34
C CYS A 26 -6.55 -11.34 -16.39
N GLY A 27 -6.94 -11.32 -15.12
CA GLY A 27 -6.12 -10.73 -14.08
C GLY A 27 -5.34 -11.80 -13.33
N ALA A 28 -4.51 -11.35 -12.40
CA ALA A 28 -3.76 -12.25 -11.51
C ALA A 28 -3.19 -11.43 -10.37
N SER A 29 -2.67 -12.11 -9.35
CA SER A 29 -2.10 -11.45 -8.17
C SER A 29 -0.64 -11.81 -8.01
N LEU A 30 0.19 -10.81 -7.74
CA LEU A 30 1.58 -11.09 -7.48
C LEU A 30 1.67 -11.59 -6.04
N ILE A 31 2.27 -12.76 -5.83
CA ILE A 31 2.40 -13.29 -4.47
C ILE A 31 3.84 -13.47 -4.01
N GLY A 32 4.78 -12.94 -4.77
CA GLY A 32 6.18 -13.13 -4.47
C GLY A 32 6.99 -12.59 -5.63
N ARG A 33 8.32 -12.66 -5.54
CA ARG A 33 9.17 -12.07 -6.59
C ARG A 33 8.97 -12.75 -7.93
N ASP A 34 8.60 -14.03 -7.88
CA ASP A 34 8.65 -14.88 -9.06
C ASP A 34 7.31 -15.52 -9.44
N TRP A 35 6.31 -15.42 -8.57
CA TRP A 35 5.06 -16.15 -8.77
C TRP A 35 3.79 -15.31 -8.77
N LEU A 36 2.89 -15.70 -9.67
CA LEU A 36 1.56 -15.14 -9.79
C LEU A 36 0.53 -16.18 -9.38
N LEU A 37 -0.57 -15.72 -8.82
CA LEU A 37 -1.71 -16.58 -8.59
C LEU A 37 -2.84 -16.10 -9.51
N THR A 38 -3.48 -17.02 -10.22
CA THR A 38 -4.60 -16.70 -11.10
C THR A 38 -5.63 -17.83 -11.12
N ALA A 39 -6.63 -17.72 -11.98
CA ALA A 39 -7.63 -18.75 -12.11
C ALA A 39 -7.18 -19.77 -13.15
N ALA A 40 -7.44 -21.05 -12.88
CA ALA A 40 -7.06 -22.09 -13.84
C ALA A 40 -7.71 -21.90 -15.20
N HIS A 41 -8.97 -21.43 -15.22
CA HIS A 41 -9.68 -21.35 -16.48
C HIS A 41 -9.08 -20.26 -17.36
N CYS A 42 -8.27 -19.41 -16.74
CA CYS A 42 -7.56 -18.37 -17.48
C CYS A 42 -6.40 -18.95 -18.29
N VAL A 43 -5.78 -20.01 -17.76
CA VAL A 43 -4.58 -20.58 -18.39
C VAL A 43 -4.83 -21.94 -19.05
N TYR A 44 -5.98 -22.52 -18.80
CA TYR A 44 -6.29 -23.83 -19.37
C TYR A 44 -6.21 -23.80 -20.90
N GLY A 45 -5.46 -24.72 -21.49
CA GLY A 45 -5.34 -24.75 -22.93
C GLY A 45 -4.31 -23.77 -23.46
N LYS A 46 -3.75 -22.93 -22.59
CA LYS A 46 -2.72 -21.98 -22.99
C LYS A 46 -1.39 -22.32 -22.30
N ASN A 47 -1.25 -23.59 -21.95
CA ASN A 47 -0.03 -24.07 -21.31
C ASN A 47 0.92 -24.74 -22.31
N THR A 48 1.11 -24.10 -23.45
CA THR A 48 1.90 -24.71 -24.52
C THR A 48 2.99 -23.77 -25.07
N HIS A 49 2.61 -22.81 -25.90
CA HIS A 49 3.58 -21.84 -26.43
C HIS A 49 3.62 -20.62 -25.50
N LEU A 50 4.25 -20.78 -24.34
CA LEU A 50 4.23 -19.80 -23.25
C LEU A 50 4.68 -18.38 -23.61
N GLN A 51 5.42 -18.25 -24.70
CA GLN A 51 5.90 -16.94 -25.14
C GLN A 51 4.77 -16.00 -25.55
N TYR A 52 3.55 -16.54 -25.69
CA TYR A 52 2.36 -15.74 -25.97
C TYR A 52 1.94 -14.87 -24.77
N TRP A 53 2.29 -15.32 -23.58
CA TRP A 53 1.95 -14.61 -22.35
C TRP A 53 2.89 -13.44 -22.11
N SER A 54 2.35 -12.34 -21.59
CA SER A 54 3.17 -11.36 -20.93
C SER A 54 2.44 -10.84 -19.68
N ALA A 55 3.10 -11.01 -18.53
CA ALA A 55 2.56 -10.54 -17.27
C ALA A 55 2.87 -9.05 -17.16
N VAL A 56 1.84 -8.23 -17.04
CA VAL A 56 2.03 -6.78 -16.98
C VAL A 56 1.71 -6.29 -15.57
N LEU A 57 2.75 -5.85 -14.85
CA LEU A 57 2.61 -5.45 -13.45
C LEU A 57 2.81 -3.95 -13.31
N GLY A 58 2.20 -3.36 -12.27
CA GLY A 58 2.30 -1.93 -12.03
C GLY A 58 1.46 -1.14 -13.00
N LEU A 59 0.48 -1.83 -13.62
CA LEU A 59 -0.31 -1.21 -14.68
C LEU A 59 -1.49 -0.46 -14.10
N HIS A 60 -1.78 0.70 -14.69
CA HIS A 60 -2.94 1.50 -14.32
C HIS A 60 -3.91 1.54 -15.49
N ALA A 61 -3.49 2.13 -16.61
CA ALA A 61 -4.27 2.15 -17.84
C ALA A 61 -3.67 1.19 -18.86
N GLN A 62 -4.51 0.42 -19.55
CA GLN A 62 -4.00 -0.48 -20.58
C GLN A 62 -3.32 0.30 -21.72
N SER A 63 -3.76 1.54 -21.92
CA SER A 63 -3.18 2.38 -22.97
C SER A 63 -1.83 2.94 -22.55
N SER A 64 -1.47 2.77 -21.29
CA SER A 64 -0.17 3.22 -20.78
C SER A 64 0.68 2.04 -20.33
N MET A 65 0.77 1.02 -21.18
CA MET A 65 1.61 -0.13 -20.93
C MET A 65 3.08 0.26 -20.82
N ASN A 66 3.41 1.44 -21.34
CA ASN A 66 4.79 1.85 -21.56
C ASN A 66 5.42 2.71 -20.44
N SER A 67 4.63 3.12 -19.46
CA SER A 67 5.18 3.92 -18.35
C SER A 67 6.27 3.17 -17.60
N GLN A 68 7.24 3.91 -17.07
CA GLN A 68 8.34 3.28 -16.35
C GLN A 68 7.88 2.81 -14.96
N GLU A 69 6.60 3.04 -14.65
CA GLU A 69 5.98 2.42 -13.49
C GLU A 69 5.68 0.95 -13.79
N VAL A 70 5.59 0.63 -15.07
CA VAL A 70 5.15 -0.69 -15.48
C VAL A 70 6.31 -1.66 -15.63
N GLN A 71 6.20 -2.82 -15.00
CA GLN A 71 7.14 -3.90 -15.23
C GLN A 71 6.43 -5.02 -15.97
N ILE A 72 7.11 -5.58 -16.97
CA ILE A 72 6.51 -6.63 -17.78
C ILE A 72 7.44 -7.83 -17.80
N ARG A 73 6.88 -9.01 -17.63
CA ARG A 73 7.69 -10.24 -17.64
C ARG A 73 7.12 -11.37 -18.48
N GLN A 74 8.00 -12.20 -19.02
CA GLN A 74 7.59 -13.39 -19.72
C GLN A 74 7.15 -14.39 -18.67
N VAL A 75 6.31 -15.35 -19.08
CA VAL A 75 5.86 -16.40 -18.18
C VAL A 75 6.47 -17.74 -18.61
N ASP A 76 7.06 -18.43 -17.63
CA ASP A 76 7.98 -19.54 -17.85
C ASP A 76 7.37 -20.89 -17.62
N ARG A 77 6.45 -20.91 -16.66
CA ARG A 77 5.88 -22.13 -16.15
C ARG A 77 4.46 -21.78 -15.77
N ILE A 78 3.55 -22.73 -15.98
CA ILE A 78 2.19 -22.60 -15.52
C ILE A 78 1.82 -23.89 -14.80
N ILE A 79 1.33 -23.74 -13.58
CA ILE A 79 1.02 -24.88 -12.73
C ILE A 79 -0.47 -24.82 -12.35
N ILE A 80 -1.26 -25.66 -12.98
CA ILE A 80 -2.69 -25.69 -12.71
C ILE A 80 -2.96 -26.64 -11.56
N ASN A 81 -3.78 -26.24 -10.60
CA ASN A 81 -4.10 -27.11 -9.49
C ASN A 81 -4.66 -28.43 -10.01
N LYS A 82 -4.25 -29.50 -9.37
CA LYS A 82 -4.45 -30.83 -9.89
C LYS A 82 -5.91 -31.24 -9.76
N ASN A 83 -6.63 -30.55 -8.88
CA ASN A 83 -8.05 -30.82 -8.67
C ASN A 83 -8.96 -29.99 -9.55
N TYR A 84 -8.38 -29.21 -10.45
CA TYR A 84 -9.18 -28.37 -11.32
C TYR A 84 -10.14 -29.21 -12.14
N ASN A 85 -11.41 -28.83 -12.14
CA ASN A 85 -12.41 -29.47 -12.98
C ASN A 85 -13.17 -28.36 -13.70
N ARG A 86 -12.89 -28.18 -14.98
CA ARG A 86 -13.41 -27.05 -15.74
C ARG A 86 -14.92 -27.12 -15.89
N ARG A 87 -15.47 -28.33 -15.73
CA ARG A 87 -16.91 -28.52 -15.83
C ARG A 87 -17.62 -28.07 -14.56
N THR A 88 -17.03 -28.36 -13.40
CA THR A 88 -17.68 -28.12 -12.13
C THR A 88 -17.20 -26.84 -11.47
N LYS A 89 -16.09 -26.29 -11.97
CA LYS A 89 -15.48 -25.05 -11.47
C LYS A 89 -14.68 -25.23 -10.19
N GLU A 90 -14.69 -26.44 -9.65
CA GLU A 90 -13.86 -26.77 -8.49
C GLU A 90 -12.36 -26.51 -8.74
N ALA A 91 -11.70 -25.93 -7.74
CA ALA A 91 -10.26 -25.67 -7.78
C ALA A 91 -9.82 -24.90 -9.03
N ASP A 92 -10.54 -23.83 -9.33
CA ASP A 92 -10.23 -22.99 -10.48
C ASP A 92 -9.09 -22.05 -10.10
N ILE A 93 -7.89 -22.60 -9.99
CA ILE A 93 -6.76 -21.84 -9.44
C ILE A 93 -5.47 -22.36 -10.06
N ALA A 94 -4.54 -21.45 -10.34
CA ALA A 94 -3.29 -21.83 -11.00
C ALA A 94 -2.23 -20.84 -10.64
N MET A 95 -0.98 -21.26 -10.80
CA MET A 95 0.14 -20.38 -10.59
C MET A 95 0.99 -20.23 -11.85
N MET A 96 1.58 -19.06 -12.00
CA MET A 96 2.42 -18.75 -13.14
C MET A 96 3.77 -18.23 -12.65
N HIS A 97 4.84 -18.82 -13.18
CA HIS A 97 6.19 -18.39 -12.88
C HIS A 97 6.65 -17.27 -13.80
N LEU A 98 7.12 -16.17 -13.21
CA LEU A 98 7.77 -15.11 -13.96
C LEU A 98 9.18 -15.51 -14.38
N GLN A 99 9.50 -15.32 -15.66
CA GLN A 99 10.78 -15.78 -16.24
C GLN A 99 12.02 -15.09 -15.61
N GLN A 100 11.82 -13.84 -15.17
CA GLN A 100 12.80 -13.04 -14.43
C GLN A 100 12.01 -12.39 -13.30
N PRO A 101 12.61 -12.28 -12.10
CA PRO A 101 11.90 -11.69 -10.97
C PRO A 101 11.56 -10.22 -11.18
N VAL A 102 10.53 -9.74 -10.48
CA VAL A 102 10.18 -8.34 -10.49
C VAL A 102 10.94 -7.62 -9.38
N ASN A 103 11.06 -6.32 -9.52
CA ASN A 103 11.59 -5.51 -8.44
C ASN A 103 10.43 -4.94 -7.69
N PHE A 104 10.51 -4.92 -6.37
CA PHE A 104 9.44 -4.37 -5.57
C PHE A 104 9.59 -2.85 -5.58
N THR A 105 8.55 -2.17 -6.03
CA THR A 105 8.56 -0.72 -6.10
C THR A 105 7.28 -0.17 -5.48
N GLU A 106 7.06 1.14 -5.61
CA GLU A 106 5.80 1.76 -5.20
C GLU A 106 4.61 1.16 -5.93
N TRP A 107 4.85 0.69 -7.16
CA TRP A 107 3.77 0.27 -8.05
C TRP A 107 3.66 -1.24 -8.14
N VAL A 108 4.67 -1.95 -7.65
CA VAL A 108 4.69 -3.42 -7.74
C VAL A 108 5.12 -4.03 -6.43
N LEU A 109 4.29 -4.90 -5.86
CA LEU A 109 4.51 -5.43 -4.52
C LEU A 109 3.55 -6.61 -4.34
N PRO A 110 4.03 -7.73 -3.74
CA PRO A 110 3.18 -8.90 -3.57
C PRO A 110 2.10 -8.74 -2.52
N VAL A 111 1.05 -9.59 -2.55
CA VAL A 111 0.05 -9.60 -1.46
C VAL A 111 0.29 -10.73 -0.50
N CYS A 112 -0.06 -10.50 0.75
CA CYS A 112 -0.15 -11.59 1.71
C CYS A 112 -1.38 -12.45 1.41
N LEU A 113 -1.27 -13.74 1.70
CA LEU A 113 -2.30 -14.72 1.41
C LEU A 113 -3.06 -15.11 2.65
N ALA A 114 -4.37 -15.26 2.50
CA ALA A 114 -5.22 -15.67 3.62
C ALA A 114 -4.72 -16.99 4.16
N SER A 115 -4.73 -17.12 5.48
CA SER A 115 -4.31 -18.35 6.17
C SER A 115 -5.49 -19.25 6.50
N GLU A 116 -5.19 -20.45 6.98
CA GLU A 116 -6.18 -21.45 7.39
C GLU A 116 -7.38 -20.87 8.10
N ASP A 117 -7.20 -20.60 9.40
CA ASP A 117 -8.31 -20.15 10.23
C ASP A 117 -8.23 -18.66 10.56
N GLN A 118 -7.75 -17.88 9.60
CA GLN A 118 -8.00 -16.46 9.63
C GLN A 118 -9.50 -16.34 9.36
N HIS A 119 -10.17 -15.42 10.05
CA HIS A 119 -11.62 -15.34 9.94
C HIS A 119 -12.10 -14.24 9.01
N PHE A 120 -12.90 -14.62 8.01
CA PHE A 120 -13.54 -13.66 7.12
C PHE A 120 -15.03 -13.95 7.00
N PRO A 121 -15.82 -13.41 7.94
CA PRO A 121 -17.24 -13.72 8.07
C PRO A 121 -18.10 -13.01 7.03
N ALA A 122 -19.27 -13.58 6.75
CA ALA A 122 -20.22 -12.95 5.85
C ALA A 122 -20.52 -11.54 6.32
N GLY A 123 -20.66 -10.60 5.39
CA GLY A 123 -20.93 -9.22 5.72
C GLY A 123 -19.67 -8.37 5.69
N ARG A 124 -18.52 -9.00 5.83
CA ARG A 124 -17.25 -8.28 5.76
C ARG A 124 -17.08 -7.60 4.41
N ARG A 125 -16.68 -6.33 4.42
CA ARG A 125 -16.48 -5.57 3.20
C ARG A 125 -15.07 -5.78 2.65
N CYS A 126 -14.98 -6.37 1.45
CA CYS A 126 -13.69 -6.58 0.81
C CYS A 126 -13.65 -5.92 -0.56
N PHE A 127 -12.50 -5.94 -1.21
CA PHE A 127 -12.34 -5.23 -2.46
C PHE A 127 -12.00 -6.17 -3.61
N ILE A 128 -12.54 -5.86 -4.78
CA ILE A 128 -12.14 -6.54 -6.00
C ILE A 128 -11.54 -5.52 -6.96
N ALA A 129 -10.68 -5.97 -7.87
CA ALA A 129 -10.15 -5.09 -8.92
C ALA A 129 -9.99 -5.83 -10.23
N GLY A 130 -10.04 -5.07 -11.33
CA GLY A 130 -9.82 -5.66 -12.63
C GLY A 130 -10.09 -4.75 -13.81
N TRP A 131 -9.73 -5.23 -15.00
CA TRP A 131 -9.95 -4.52 -16.26
C TRP A 131 -11.11 -5.16 -17.03
N GLY A 132 -11.91 -5.96 -16.32
CA GLY A 132 -13.05 -6.64 -16.91
C GLY A 132 -14.21 -5.70 -17.23
N ARG A 133 -15.28 -6.24 -17.80
CA ARG A 133 -16.42 -5.47 -18.27
C ARG A 133 -17.00 -4.54 -17.20
N ASP A 134 -17.38 -3.34 -17.62
CA ASP A 134 -18.09 -2.30 -16.83
C ASP A 134 -19.44 -2.70 -16.25
N ALA A 135 -20.00 -3.75 -16.80
CA ALA A 135 -21.36 -4.21 -16.53
C ALA A 135 -21.53 -5.36 -17.49
N GLU A 136 -22.51 -6.23 -17.26
CA GLU A 136 -22.83 -7.26 -18.23
C GLU A 136 -23.43 -6.52 -19.42
N GLY A 137 -22.64 -6.34 -20.48
CA GLY A 137 -23.09 -5.56 -21.60
C GLY A 137 -22.47 -4.17 -21.64
N GLY A 138 -21.62 -3.87 -20.67
CA GLY A 138 -20.88 -2.60 -20.67
C GLY A 138 -19.61 -2.70 -21.51
N SER A 139 -18.75 -1.70 -21.42
CA SER A 139 -17.48 -1.78 -22.15
C SER A 139 -16.29 -2.10 -21.25
N LEU A 140 -15.12 -2.23 -21.87
CA LEU A 140 -13.91 -2.59 -21.16
C LEU A 140 -13.15 -1.32 -20.80
N PRO A 141 -12.91 -1.10 -19.50
CA PRO A 141 -12.32 0.19 -19.10
C PRO A 141 -10.83 0.22 -19.38
N ASP A 142 -10.31 1.36 -19.83
CA ASP A 142 -8.86 1.50 -20.01
C ASP A 142 -8.18 1.46 -18.63
N ILE A 143 -8.73 2.22 -17.69
CA ILE A 143 -8.20 2.34 -16.33
C ILE A 143 -8.73 1.25 -15.40
N LEU A 144 -7.83 0.66 -14.63
CA LEU A 144 -8.15 -0.39 -13.66
C LEU A 144 -9.31 0.00 -12.75
N GLN A 145 -10.28 -0.89 -12.58
CA GLN A 145 -11.41 -0.58 -11.69
C GLN A 145 -11.31 -1.26 -10.35
N GLU A 146 -11.86 -0.63 -9.32
CA GLU A 146 -11.98 -1.25 -8.00
C GLU A 146 -13.39 -1.05 -7.45
N ALA A 147 -13.81 -1.97 -6.60
CA ALA A 147 -15.12 -1.88 -5.99
C ALA A 147 -15.10 -2.59 -4.65
N GLU A 148 -15.95 -2.13 -3.74
CA GLU A 148 -16.13 -2.77 -2.45
C GLU A 148 -17.39 -3.67 -2.50
N VAL A 149 -17.24 -4.95 -2.13
CA VAL A 149 -18.35 -5.92 -2.11
C VAL A 149 -18.30 -6.69 -0.79
N PRO A 150 -19.46 -7.08 -0.25
CA PRO A 150 -19.49 -7.83 1.00
C PRO A 150 -19.48 -9.34 0.79
N LEU A 151 -18.81 -10.05 1.69
CA LEU A 151 -18.77 -11.51 1.62
C LEU A 151 -20.13 -12.06 1.98
N VAL A 152 -20.48 -13.19 1.36
CA VAL A 152 -21.78 -13.78 1.58
C VAL A 152 -21.58 -15.16 2.15
N ASP A 153 -22.41 -15.53 3.11
CA ASP A 153 -22.33 -16.82 3.78
C ASP A 153 -22.39 -17.99 2.79
N GLN A 154 -21.64 -19.07 3.10
CA GLN A 154 -21.48 -20.23 2.22
C GLN A 154 -22.80 -20.83 1.76
N ASP A 155 -23.72 -21.04 2.71
CA ASP A 155 -25.02 -21.62 2.41
C ASP A 155 -25.78 -20.76 1.42
N GLU A 156 -25.69 -19.45 1.58
CA GLU A 156 -26.42 -18.54 0.68
C GLU A 156 -25.84 -18.59 -0.71
N CYS A 157 -24.51 -18.65 -0.79
CA CYS A 157 -23.83 -18.78 -2.08
C CYS A 157 -24.44 -19.91 -2.87
N GLN A 158 -24.65 -21.05 -2.21
CA GLN A 158 -25.15 -22.24 -2.89
C GLN A 158 -26.64 -22.15 -3.27
N ARG A 159 -27.45 -21.54 -2.41
CA ARG A 159 -28.85 -21.32 -2.72
C ARG A 159 -28.99 -20.39 -3.91
N LEU A 160 -28.12 -19.39 -3.97
CA LEU A 160 -28.21 -18.37 -4.99
C LEU A 160 -27.64 -18.83 -6.32
N LEU A 161 -26.73 -19.80 -6.28
CA LEU A 161 -26.14 -20.36 -7.50
C LEU A 161 -26.35 -21.87 -7.60
N PRO A 162 -27.62 -22.30 -7.69
CA PRO A 162 -27.92 -23.74 -7.73
C PRO A 162 -27.43 -24.41 -9.00
N GLU A 163 -27.09 -23.63 -10.02
CA GLU A 163 -26.51 -24.16 -11.24
C GLU A 163 -25.13 -24.79 -11.02
N TYR A 164 -24.52 -24.53 -9.87
CA TYR A 164 -23.21 -25.08 -9.58
C TYR A 164 -23.20 -25.83 -8.25
N THR A 165 -22.25 -26.75 -8.10
CA THR A 165 -22.00 -27.33 -6.79
C THR A 165 -20.98 -26.44 -6.08
N PHE A 166 -21.46 -25.63 -5.14
CA PHE A 166 -20.60 -24.69 -4.44
C PHE A 166 -19.85 -25.35 -3.31
N THR A 167 -18.52 -25.38 -3.38
CA THR A 167 -17.73 -26.14 -2.42
C THR A 167 -17.04 -25.29 -1.33
N SER A 168 -16.29 -25.96 -0.47
CA SER A 168 -15.55 -25.28 0.59
C SER A 168 -14.29 -24.61 0.03
N SER A 169 -13.99 -24.89 -1.24
CA SER A 169 -12.86 -24.26 -1.92
C SER A 169 -13.30 -23.04 -2.73
N MET A 170 -14.53 -22.57 -2.46
CA MET A 170 -15.07 -21.37 -3.08
C MET A 170 -15.60 -20.36 -2.04
N LEU A 171 -15.66 -19.08 -2.43
CA LEU A 171 -16.37 -18.06 -1.67
C LEU A 171 -17.17 -17.25 -2.66
N CYS A 172 -18.15 -16.52 -2.15
CA CYS A 172 -18.88 -15.64 -3.04
C CYS A 172 -19.16 -14.29 -2.37
N ALA A 173 -19.35 -13.26 -3.18
CA ALA A 173 -19.54 -11.91 -2.66
C ALA A 173 -20.42 -11.12 -3.58
N GLY A 174 -21.26 -10.26 -3.00
CA GLY A 174 -22.10 -9.38 -3.80
C GLY A 174 -23.25 -8.85 -2.99
N TYR A 175 -24.06 -7.96 -3.58
CA TYR A 175 -25.23 -7.40 -2.88
C TYR A 175 -26.51 -8.06 -3.35
N PRO A 176 -27.47 -8.26 -2.44
CA PRO A 176 -28.79 -8.80 -2.80
C PRO A 176 -29.42 -8.05 -3.96
N GLU A 177 -29.32 -6.72 -3.97
CA GLU A 177 -29.90 -5.95 -5.08
C GLU A 177 -29.00 -5.94 -6.31
N GLY A 178 -27.76 -6.39 -6.16
CA GLY A 178 -26.86 -6.46 -7.30
C GLY A 178 -26.13 -5.14 -7.50
N GLY A 179 -25.52 -4.98 -8.68
CA GLY A 179 -24.86 -3.72 -9.03
C GLY A 179 -23.35 -3.65 -8.84
N VAL A 180 -22.79 -4.56 -8.04
CA VAL A 180 -21.37 -4.51 -7.76
C VAL A 180 -20.82 -5.93 -7.82
N ASP A 181 -19.89 -6.18 -8.75
CA ASP A 181 -19.49 -7.56 -9.06
C ASP A 181 -18.26 -7.54 -9.96
N SER A 182 -17.60 -8.68 -10.02
CA SER A 182 -16.57 -8.88 -11.03
C SER A 182 -17.24 -9.46 -12.27
N CYS A 183 -16.75 -9.09 -13.45
CA CYS A 183 -17.36 -9.49 -14.71
C CYS A 183 -16.31 -10.10 -15.64
N GLN A 184 -16.76 -10.59 -16.80
CA GLN A 184 -15.86 -11.16 -17.80
C GLN A 184 -14.64 -10.26 -18.05
N GLY A 185 -13.46 -10.83 -17.93
CA GLY A 185 -12.26 -10.03 -18.02
C GLY A 185 -11.61 -9.82 -16.67
N ASP A 186 -12.37 -10.05 -15.60
CA ASP A 186 -11.84 -9.94 -14.24
C ASP A 186 -11.32 -11.27 -13.70
N SER A 187 -11.65 -12.36 -14.38
CA SER A 187 -11.24 -13.68 -13.91
C SER A 187 -9.76 -13.73 -13.57
N GLY A 188 -9.42 -14.40 -12.48
CA GLY A 188 -8.02 -14.54 -12.11
C GLY A 188 -7.52 -13.43 -11.19
N GLY A 189 -8.27 -12.33 -11.13
CA GLY A 189 -7.89 -11.17 -10.32
C GLY A 189 -8.22 -11.40 -8.85
N PRO A 190 -7.97 -10.38 -8.01
CA PRO A 190 -8.04 -10.58 -6.55
C PRO A 190 -9.34 -10.17 -5.89
N LEU A 191 -9.66 -10.86 -4.81
CA LEU A 191 -10.63 -10.39 -3.83
C LEU A 191 -9.81 -10.28 -2.54
N MET A 192 -9.64 -9.07 -2.05
CA MET A 192 -8.70 -8.80 -0.95
C MET A 192 -9.41 -8.07 0.19
N CYS A 193 -9.07 -8.46 1.41
CA CYS A 193 -9.71 -7.87 2.58
C CYS A 193 -8.67 -7.27 3.51
N LEU A 194 -9.03 -6.13 4.08
CA LEU A 194 -8.18 -5.45 5.05
C LEU A 194 -8.35 -6.17 6.36
N GLU A 195 -7.25 -6.72 6.88
CA GLU A 195 -7.31 -7.57 8.06
C GLU A 195 -6.24 -7.11 9.04
N ASP A 196 -6.66 -6.64 10.22
CA ASP A 196 -5.74 -6.04 11.16
C ASP A 196 -4.81 -5.07 10.44
N ALA A 197 -5.41 -4.21 9.61
CA ALA A 197 -4.73 -3.16 8.87
C ALA A 197 -3.78 -3.66 7.77
N ARG A 198 -3.94 -4.91 7.34
CA ARG A 198 -3.03 -5.50 6.35
C ARG A 198 -3.85 -6.08 5.20
N TRP A 199 -3.52 -5.70 3.96
CA TRP A 199 -4.26 -6.22 2.82
C TRP A 199 -3.97 -7.73 2.65
N THR A 200 -5.01 -8.55 2.66
CA THR A 200 -4.81 -9.98 2.46
C THR A 200 -5.70 -10.60 1.38
N LEU A 201 -5.07 -11.42 0.55
CA LEU A 201 -5.74 -12.04 -0.57
C LEU A 201 -6.58 -13.20 -0.10
N ILE A 202 -7.88 -13.09 -0.32
CA ILE A 202 -8.84 -14.08 0.16
C ILE A 202 -9.36 -14.96 -0.97
N GLY A 203 -9.53 -14.39 -2.16
CA GLY A 203 -10.14 -15.12 -3.25
C GLY A 203 -9.54 -14.80 -4.60
N VAL A 204 -9.74 -15.70 -5.56
CA VAL A 204 -9.33 -15.49 -6.93
C VAL A 204 -10.58 -15.51 -7.81
N THR A 205 -10.81 -14.43 -8.53
CA THR A 205 -12.03 -14.28 -9.32
C THR A 205 -12.24 -15.47 -10.27
N SER A 206 -13.37 -16.15 -10.14
CA SER A 206 -13.52 -17.43 -10.82
C SER A 206 -14.71 -17.56 -11.77
N PHE A 207 -15.92 -17.34 -11.28
CA PHE A 207 -17.10 -17.54 -12.12
C PHE A 207 -18.33 -16.86 -11.52
N GLY A 208 -19.41 -16.88 -12.30
CA GLY A 208 -20.62 -16.23 -11.87
C GLY A 208 -21.71 -16.41 -12.89
N VAL A 209 -22.94 -16.15 -12.46
CA VAL A 209 -24.04 -16.06 -13.39
C VAL A 209 -24.22 -14.60 -13.77
N GLY A 210 -23.76 -14.26 -14.97
CA GLY A 210 -23.80 -12.88 -15.44
C GLY A 210 -22.94 -12.04 -14.52
N CYS A 211 -23.13 -10.73 -14.53
CA CYS A 211 -22.42 -9.92 -13.55
C CYS A 211 -23.24 -8.76 -13.03
N GLY A 212 -23.22 -8.58 -11.71
CA GLY A 212 -23.95 -7.52 -11.06
C GLY A 212 -25.45 -7.74 -10.94
N ARG A 213 -25.91 -8.93 -11.29
CA ARG A 213 -27.34 -9.22 -11.24
C ARG A 213 -27.83 -9.34 -9.78
N PRO A 214 -29.11 -9.04 -9.55
CA PRO A 214 -29.67 -9.21 -8.20
C PRO A 214 -29.56 -10.67 -7.77
N GLU A 215 -29.11 -10.88 -6.55
CA GLU A 215 -28.98 -12.23 -5.95
C GLU A 215 -28.16 -13.22 -6.77
N ARG A 216 -27.12 -12.71 -7.41
CA ARG A 216 -26.16 -13.52 -8.15
C ARG A 216 -24.77 -12.97 -7.83
N PRO A 217 -24.26 -13.29 -6.64
CA PRO A 217 -22.95 -12.84 -6.20
C PRO A 217 -21.86 -13.56 -7.00
N GLY A 218 -20.79 -12.85 -7.33
CA GLY A 218 -19.67 -13.47 -8.03
C GLY A 218 -19.01 -14.51 -7.16
N ALA A 219 -18.37 -15.49 -7.77
CA ALA A 219 -17.71 -16.56 -7.02
C ALA A 219 -16.21 -16.54 -7.25
N TYR A 220 -15.47 -17.02 -6.24
CA TYR A 220 -14.02 -16.87 -6.16
C TYR A 220 -13.41 -18.15 -5.62
N ALA A 221 -12.27 -18.59 -6.16
CA ALA A 221 -11.53 -19.70 -5.54
C ALA A 221 -11.02 -19.22 -4.18
N ARG A 222 -11.17 -20.05 -3.15
CA ARG A 222 -10.85 -19.62 -1.80
C ARG A 222 -9.37 -19.88 -1.52
N VAL A 223 -8.62 -18.79 -1.40
CA VAL A 223 -7.17 -18.88 -1.26
C VAL A 223 -6.76 -19.77 -0.08
N SER A 224 -7.43 -19.59 1.05
CA SER A 224 -7.11 -20.35 2.25
C SER A 224 -7.24 -21.87 2.10
N ALA A 225 -7.98 -22.34 1.09
CA ALA A 225 -8.07 -23.78 0.88
C ALA A 225 -6.89 -24.35 0.12
N PHE A 226 -6.03 -23.50 -0.43
CA PHE A 226 -4.96 -23.98 -1.31
C PHE A 226 -3.57 -23.69 -0.77
N THR A 227 -3.53 -23.38 0.51
CA THR A 227 -2.31 -22.99 1.23
C THR A 227 -1.12 -23.90 0.95
N SER A 228 -1.30 -25.19 1.19
CA SER A 228 -0.18 -26.12 1.02
C SER A 228 0.27 -26.28 -0.44
N TRP A 229 -0.69 -26.28 -1.36
CA TRP A 229 -0.34 -26.42 -2.78
C TRP A 229 0.45 -25.20 -3.22
N ILE A 230 -0.03 -24.01 -2.83
CA ILE A 230 0.64 -22.76 -3.14
C ILE A 230 2.07 -22.75 -2.56
N ALA A 231 2.19 -23.16 -1.31
CA ALA A 231 3.47 -23.22 -0.62
C ALA A 231 4.47 -24.11 -1.35
N GLU A 232 4.01 -25.29 -1.75
CA GLU A 232 4.90 -26.29 -2.35
C GLU A 232 5.34 -25.88 -3.76
N THR A 233 4.44 -25.26 -4.50
CA THR A 233 4.77 -24.87 -5.87
C THR A 233 5.74 -23.69 -5.94
N ARG A 234 5.90 -22.95 -4.84
CA ARG A 234 6.81 -21.80 -4.82
C ARG A 234 8.26 -22.13 -5.22
N ARG A 235 8.80 -21.29 -6.10
CA ARG A 235 10.15 -21.36 -6.66
C ARG A 235 10.61 -22.69 -7.24
N VAL B 1 9.54 18.93 0.42
CA VAL B 1 10.41 17.98 -0.26
C VAL B 1 10.91 18.67 -1.53
N VAL B 2 12.22 18.87 -1.63
CA VAL B 2 12.77 19.43 -2.87
C VAL B 2 13.19 18.28 -3.78
N GLY B 3 12.93 18.41 -5.08
CA GLY B 3 13.38 17.42 -6.02
C GLY B 3 12.49 16.18 -6.05
N GLY B 4 11.26 16.32 -5.60
CA GLY B 4 10.33 15.22 -5.61
C GLY B 4 9.23 15.38 -6.63
N VAL B 5 8.18 14.58 -6.51
CA VAL B 5 7.06 14.57 -7.43
C VAL B 5 5.76 14.48 -6.62
N ASN B 6 4.64 14.91 -7.22
CA ASN B 6 3.32 14.70 -6.63
C ASN B 6 3.11 13.25 -6.24
N ALA B 7 2.64 13.03 -5.02
CA ALA B 7 2.22 11.70 -4.60
C ALA B 7 0.81 11.41 -5.11
N GLU B 8 0.55 10.16 -5.49
CA GLU B 8 -0.82 9.78 -5.89
C GLU B 8 -1.76 9.76 -4.67
N LYS B 9 -3.06 9.94 -4.91
CA LYS B 9 -4.06 9.76 -3.87
C LYS B 9 -3.92 8.36 -3.32
N GLY B 10 -3.84 8.22 -2.00
CA GLY B 10 -3.78 6.91 -1.37
C GLY B 10 -2.39 6.31 -1.23
N ALA B 11 -1.38 7.01 -1.73
CA ALA B 11 -0.02 6.47 -1.83
C ALA B 11 0.61 6.09 -0.50
N TRP B 12 0.49 6.98 0.48
CA TRP B 12 1.15 6.78 1.76
C TRP B 12 0.10 6.98 2.85
N PRO B 13 -0.73 5.96 3.08
CA PRO B 13 -1.94 6.05 3.92
C PRO B 13 -1.67 6.40 5.38
N TRP B 14 -0.41 6.26 5.82
CA TRP B 14 -0.05 6.67 7.17
C TRP B 14 0.40 8.13 7.25
N MET B 15 0.55 8.78 6.09
CA MET B 15 1.03 10.16 6.04
C MET B 15 -0.03 11.08 6.62
N VAL B 16 0.34 11.92 7.58
CA VAL B 16 -0.60 12.88 8.15
C VAL B 16 -0.06 14.33 8.12
N SER B 17 -0.97 15.26 7.83
CA SER B 17 -0.62 16.67 7.87
C SER B 17 -1.02 17.22 9.23
N LEU B 18 -0.04 17.77 9.94
CA LEU B 18 -0.32 18.40 11.22
C LEU B 18 -0.60 19.87 11.01
N HIS B 19 -1.85 20.27 11.19
CA HIS B 19 -2.21 21.67 11.11
C HIS B 19 -2.05 22.36 12.45
N TRP B 20 -1.54 23.59 12.43
CA TRP B 20 -1.45 24.38 13.65
C TRP B 20 -2.02 25.76 13.37
N ARG B 21 -3.00 26.15 14.17
CA ARG B 21 -3.77 27.35 13.95
C ARG B 21 -4.27 27.41 12.50
N GLY B 22 -4.67 26.25 11.97
CA GLY B 22 -5.38 26.18 10.71
C GLY B 22 -4.55 25.97 9.45
N ARG B 23 -3.24 25.88 9.59
CA ARG B 23 -2.36 25.77 8.43
C ARG B 23 -1.40 24.62 8.65
N HIS B 24 -1.00 23.94 7.57
CA HIS B 24 -0.04 22.83 7.69
C HIS B 24 1.22 23.33 8.37
N GLY B 25 1.70 22.60 9.37
CA GLY B 25 2.92 23.00 10.05
C GLY B 25 4.02 21.96 10.03
N CYS B 26 3.64 20.69 10.06
CA CYS B 26 4.60 19.61 10.20
C CYS B 26 3.94 18.33 9.70
N GLY B 27 4.76 17.32 9.44
CA GLY B 27 4.24 16.00 9.09
C GLY B 27 4.15 15.12 10.32
N ALA B 28 3.54 13.94 10.15
CA ALA B 28 3.55 12.91 11.17
C ALA B 28 3.15 11.58 10.53
N SER B 29 3.32 10.49 11.27
CA SER B 29 2.96 9.17 10.79
C SER B 29 1.93 8.51 11.72
N LEU B 30 0.85 8.01 11.15
CA LEU B 30 -0.13 7.26 11.92
C LEU B 30 0.50 5.91 12.30
N ILE B 31 0.41 5.55 13.57
CA ILE B 31 0.97 4.25 14.01
C ILE B 31 -0.01 3.39 14.78
N GLY B 32 -1.27 3.84 14.85
CA GLY B 32 -2.37 3.08 15.45
C GLY B 32 -3.65 3.78 15.09
N ARG B 33 -4.80 3.39 15.66
CA ARG B 33 -6.02 4.15 15.41
C ARG B 33 -5.95 5.49 16.15
N ASP B 34 -5.02 5.56 17.11
CA ASP B 34 -5.06 6.52 18.20
C ASP B 34 -3.84 7.41 18.32
N TRP B 35 -2.74 7.01 17.69
CA TRP B 35 -1.46 7.66 17.94
C TRP B 35 -0.69 8.06 16.68
N LEU B 36 0.01 9.18 16.78
CA LEU B 36 0.87 9.67 15.73
C LEU B 36 2.31 9.70 16.22
N LEU B 37 3.25 9.52 15.29
CA LEU B 37 4.67 9.72 15.55
C LEU B 37 5.13 10.97 14.79
N THR B 38 5.79 11.88 15.50
CA THR B 38 6.26 13.12 14.87
C THR B 38 7.62 13.51 15.45
N ALA B 39 8.13 14.69 15.08
CA ALA B 39 9.39 15.16 15.62
C ALA B 39 9.13 16.01 16.85
N ALA B 40 10.00 15.89 17.86
CA ALA B 40 9.82 16.69 19.08
C ALA B 40 9.81 18.20 18.78
N HIS B 41 10.68 18.65 17.89
CA HIS B 41 10.77 20.09 17.65
C HIS B 41 9.50 20.63 16.98
N CYS B 42 8.71 19.76 16.36
CA CYS B 42 7.42 20.16 15.85
C CYS B 42 6.44 20.51 16.97
N VAL B 43 6.57 19.87 18.12
CA VAL B 43 5.60 20.09 19.18
C VAL B 43 6.14 20.89 20.37
N TYR B 44 7.45 21.17 20.33
CA TYR B 44 8.08 21.91 21.42
C TYR B 44 7.51 23.32 21.49
N GLY B 45 7.03 23.69 22.68
CA GLY B 45 6.39 24.99 22.85
C GLY B 45 4.96 25.04 22.31
N LYS B 46 4.42 23.87 21.96
CA LYS B 46 3.07 23.78 21.43
C LYS B 46 2.35 22.62 22.08
N ASN B 47 2.74 22.30 23.31
CA ASN B 47 2.14 21.23 24.09
C ASN B 47 1.22 21.79 25.19
N THR B 48 0.89 23.07 25.14
CA THR B 48 0.10 23.65 26.23
C THR B 48 -1.35 24.01 25.88
N HIS B 49 -1.58 24.52 24.66
CA HIS B 49 -2.93 24.77 24.20
C HIS B 49 -3.19 23.82 23.04
N LEU B 50 -3.51 22.58 23.39
CA LEU B 50 -3.60 21.51 22.40
C LEU B 50 -4.65 21.74 21.33
N GLN B 51 -5.66 22.55 21.66
CA GLN B 51 -6.76 22.81 20.76
C GLN B 51 -6.31 23.41 19.43
N TYR B 52 -5.11 23.96 19.38
CA TYR B 52 -4.61 24.59 18.15
C TYR B 52 -4.18 23.56 17.13
N TRP B 53 -3.94 22.33 17.58
CA TRP B 53 -3.58 21.25 16.67
C TRP B 53 -4.80 20.66 15.98
N SER B 54 -4.59 20.26 14.72
CA SER B 54 -5.57 19.48 13.99
C SER B 54 -4.83 18.49 13.09
N ALA B 55 -5.01 17.20 13.34
CA ALA B 55 -4.37 16.17 12.53
C ALA B 55 -5.23 15.83 11.32
N VAL B 56 -4.63 15.84 10.15
CA VAL B 56 -5.39 15.60 8.92
C VAL B 56 -4.91 14.35 8.22
N LEU B 57 -5.75 13.32 8.26
CA LEU B 57 -5.40 12.00 7.74
C LEU B 57 -6.11 11.73 6.42
N GLY B 58 -5.49 10.92 5.57
CA GLY B 58 -6.05 10.61 4.27
C GLY B 58 -6.08 11.77 3.31
N LEU B 59 -5.16 12.71 3.49
CA LEU B 59 -5.17 13.96 2.73
C LEU B 59 -4.29 13.82 1.50
N HIS B 60 -4.75 14.36 0.37
CA HIS B 60 -3.94 14.41 -0.83
C HIS B 60 -3.48 15.86 -1.03
N ALA B 61 -4.44 16.78 -0.98
CA ALA B 61 -4.20 18.17 -1.31
C ALA B 61 -4.73 19.05 -0.18
N GLN B 62 -3.93 20.00 0.28
CA GLN B 62 -4.33 20.88 1.39
C GLN B 62 -5.64 21.60 1.07
N SER B 63 -5.88 21.83 -0.21
CA SER B 63 -7.08 22.54 -0.68
C SER B 63 -8.31 21.63 -0.79
N SER B 64 -8.15 20.35 -0.50
CA SER B 64 -9.26 19.42 -0.62
C SER B 64 -9.48 18.62 0.67
N MET B 65 -9.61 19.33 1.78
CA MET B 65 -9.83 18.70 3.07
C MET B 65 -11.24 18.16 3.26
N ASN B 66 -12.20 18.61 2.44
CA ASN B 66 -13.56 18.06 2.52
C ASN B 66 -13.77 16.74 1.77
N SER B 67 -12.76 16.31 1.00
CA SER B 67 -12.92 15.05 0.26
C SER B 67 -13.25 13.88 1.20
N GLN B 68 -13.97 12.90 0.66
CA GLN B 68 -14.44 11.74 1.43
C GLN B 68 -13.32 10.90 2.07
N GLU B 69 -12.13 10.93 1.50
CA GLU B 69 -11.03 10.12 2.04
C GLU B 69 -10.45 10.69 3.32
N VAL B 70 -10.77 11.95 3.60
CA VAL B 70 -10.12 12.69 4.68
C VAL B 70 -10.76 12.44 6.04
N GLN B 71 -9.93 12.24 7.04
CA GLN B 71 -10.39 12.22 8.41
C GLN B 71 -9.57 13.21 9.22
N ILE B 72 -10.28 14.07 9.95
CA ILE B 72 -9.64 15.14 10.73
C ILE B 72 -9.86 14.89 12.22
N ARG B 73 -8.79 15.03 12.99
CA ARG B 73 -8.84 14.73 14.43
C ARG B 73 -8.14 15.77 15.28
N GLN B 74 -8.70 16.00 16.46
CA GLN B 74 -8.06 16.82 17.49
C GLN B 74 -7.02 15.97 18.23
N VAL B 75 -6.12 16.64 18.92
CA VAL B 75 -5.06 15.96 19.65
C VAL B 75 -5.20 16.24 21.16
N ASP B 76 -5.09 15.16 21.93
CA ASP B 76 -5.42 15.09 23.35
C ASP B 76 -4.24 15.12 24.30
N ARG B 77 -3.11 14.62 23.82
CA ARG B 77 -1.94 14.44 24.65
C ARG B 77 -0.77 14.50 23.70
N ILE B 78 0.34 15.04 24.18
CA ILE B 78 1.58 15.02 23.43
C ILE B 78 2.66 14.57 24.41
N ILE B 79 3.42 13.55 24.01
CA ILE B 79 4.56 13.09 24.80
C ILE B 79 5.85 13.27 24.03
N ILE B 80 6.71 14.13 24.55
CA ILE B 80 8.02 14.36 23.94
C ILE B 80 9.00 13.41 24.59
N ASN B 81 9.83 12.75 23.79
CA ASN B 81 10.81 11.84 24.35
C ASN B 81 11.68 12.55 25.38
N LYS B 82 11.77 11.98 26.57
CA LYS B 82 12.51 12.57 27.68
C LYS B 82 13.98 12.85 27.36
N ASN B 83 14.52 12.20 26.34
CA ASN B 83 15.92 12.40 25.96
C ASN B 83 16.10 13.54 24.97
N TYR B 84 15.00 14.13 24.54
CA TYR B 84 15.06 15.16 23.53
C TYR B 84 15.96 16.29 23.98
N ASN B 85 16.85 16.73 23.09
CA ASN B 85 17.69 17.88 23.39
C ASN B 85 17.65 18.83 22.21
N ARG B 86 16.94 19.95 22.38
CA ARG B 86 16.72 20.89 21.28
C ARG B 86 18.03 21.44 20.73
N ARG B 87 19.04 21.54 21.59
CA ARG B 87 20.35 22.07 21.18
C ARG B 87 21.21 21.07 20.38
N THR B 88 21.17 19.80 20.75
CA THR B 88 22.01 18.79 20.09
C THR B 88 21.26 17.98 19.04
N LYS B 89 19.94 18.18 18.99
CA LYS B 89 19.03 17.46 18.09
C LYS B 89 18.85 15.97 18.45
N GLU B 90 19.43 15.55 19.58
CA GLU B 90 19.28 14.15 20.00
C GLU B 90 17.82 13.81 20.35
N ALA B 91 17.38 12.63 19.91
CA ALA B 91 16.07 12.12 20.27
C ALA B 91 14.95 13.10 19.92
N ASP B 92 15.02 13.65 18.71
CA ASP B 92 14.02 14.59 18.22
C ASP B 92 12.76 13.82 17.79
N ILE B 93 11.97 13.38 18.77
CA ILE B 93 10.85 12.49 18.48
C ILE B 93 9.74 12.63 19.53
N ALA B 94 8.50 12.50 19.09
CA ALA B 94 7.38 12.74 19.98
C ALA B 94 6.17 11.97 19.50
N MET B 95 5.19 11.82 20.38
CA MET B 95 3.95 11.14 20.02
C MET B 95 2.74 11.99 20.36
N MET B 96 1.70 11.86 19.54
CA MET B 96 0.47 12.62 19.73
C MET B 96 -0.74 11.70 19.78
N HIS B 97 -1.52 11.84 20.86
CA HIS B 97 -2.71 11.03 21.02
C HIS B 97 -3.90 11.69 20.36
N LEU B 98 -4.57 10.96 19.47
CA LEU B 98 -5.74 11.51 18.78
C LEU B 98 -6.95 11.50 19.72
N GLN B 99 -7.65 12.63 19.80
CA GLN B 99 -8.77 12.78 20.73
C GLN B 99 -9.93 11.85 20.40
N GLN B 100 -10.07 11.51 19.13
CA GLN B 100 -10.98 10.44 18.70
C GLN B 100 -10.23 9.50 17.74
N PRO B 101 -10.40 8.17 17.92
CA PRO B 101 -9.71 7.25 17.01
C PRO B 101 -10.14 7.44 15.57
N VAL B 102 -9.23 7.21 14.63
CA VAL B 102 -9.60 7.21 13.23
C VAL B 102 -10.13 5.83 12.86
N ASN B 103 -10.72 5.73 11.68
CA ASN B 103 -11.15 4.45 11.12
C ASN B 103 -10.18 4.06 10.00
N PHE B 104 -9.70 2.82 10.05
CA PHE B 104 -8.81 2.36 9.00
C PHE B 104 -9.59 2.15 7.71
N THR B 105 -9.15 2.79 6.64
CA THR B 105 -9.78 2.68 5.33
C THR B 105 -8.72 2.40 4.29
N GLU B 106 -9.16 2.24 3.06
CA GLU B 106 -8.27 2.22 1.91
C GLU B 106 -7.26 3.38 1.96
N TRP B 107 -7.68 4.49 2.55
CA TRP B 107 -6.94 5.75 2.49
C TRP B 107 -6.19 6.10 3.78
N VAL B 108 -6.53 5.41 4.87
CA VAL B 108 -5.96 5.74 6.16
C VAL B 108 -5.56 4.45 6.88
N LEU B 109 -4.26 4.26 7.05
CA LEU B 109 -3.72 3.02 7.61
C LEU B 109 -2.41 3.31 8.35
N PRO B 110 -2.11 2.55 9.42
CA PRO B 110 -0.87 2.75 10.18
C PRO B 110 0.33 2.12 9.47
N VAL B 111 1.55 2.60 9.72
CA VAL B 111 2.77 2.01 9.16
C VAL B 111 3.41 1.04 10.11
N CYS B 112 4.08 0.04 9.56
CA CYS B 112 4.98 -0.79 10.35
C CYS B 112 6.19 0.04 10.81
N LEU B 113 6.59 -0.18 12.05
CA LEU B 113 7.75 0.48 12.66
C LEU B 113 8.99 -0.39 12.52
N ALA B 114 10.11 0.20 12.14
CA ALA B 114 11.37 -0.53 12.04
C ALA B 114 11.77 -1.07 13.41
N SER B 115 12.43 -2.23 13.44
CA SER B 115 12.99 -2.74 14.69
C SER B 115 14.52 -2.88 14.60
N GLU B 116 15.19 -2.91 15.75
CA GLU B 116 16.64 -2.76 15.80
C GLU B 116 17.40 -3.93 15.15
N ASP B 117 16.70 -5.04 14.94
CA ASP B 117 17.30 -6.22 14.33
C ASP B 117 17.27 -6.15 12.81
N GLN B 118 16.47 -5.24 12.28
CA GLN B 118 16.36 -5.13 10.83
C GLN B 118 17.58 -4.41 10.27
N HIS B 119 18.01 -4.82 9.09
CA HIS B 119 19.16 -4.24 8.41
C HIS B 119 18.71 -3.25 7.33
N PHE B 120 19.19 -2.02 7.42
CA PHE B 120 18.92 -1.02 6.38
C PHE B 120 20.24 -0.37 5.97
N PRO B 121 20.97 -1.00 5.05
CA PRO B 121 22.33 -0.62 4.68
C PRO B 121 22.38 0.69 3.88
N ALA B 122 23.56 1.30 3.83
CA ALA B 122 23.80 2.44 2.97
C ALA B 122 23.47 2.06 1.55
N GLY B 123 22.93 3.01 0.79
CA GLY B 123 22.60 2.74 -0.61
C GLY B 123 21.18 2.26 -0.83
N ARG B 124 20.52 1.80 0.24
CA ARG B 124 19.12 1.37 0.15
C ARG B 124 18.25 2.55 -0.30
N ARG B 125 17.33 2.30 -1.24
CA ARG B 125 16.48 3.37 -1.77
C ARG B 125 15.15 3.45 -1.05
N CYS B 126 14.95 4.55 -0.32
CA CYS B 126 13.76 4.73 0.50
C CYS B 126 13.01 5.99 0.09
N PHE B 127 11.80 6.18 0.62
CA PHE B 127 10.99 7.33 0.27
C PHE B 127 10.74 8.30 1.42
N ILE B 128 10.68 9.59 1.09
CA ILE B 128 10.23 10.59 2.03
C ILE B 128 8.97 11.25 1.46
N ALA B 129 8.13 11.83 2.33
CA ALA B 129 6.95 12.53 1.85
C ALA B 129 6.65 13.71 2.75
N GLY B 130 5.99 14.72 2.20
CA GLY B 130 5.54 15.84 3.02
C GLY B 130 4.94 17.00 2.25
N TRP B 131 4.33 17.93 2.98
CA TRP B 131 3.75 19.12 2.38
C TRP B 131 4.65 20.32 2.70
N GLY B 132 5.88 20.01 3.07
CA GLY B 132 6.84 21.07 3.34
C GLY B 132 7.31 21.73 2.06
N ARG B 133 8.20 22.70 2.25
CA ARG B 133 8.69 23.56 1.19
C ARG B 133 9.21 22.80 -0.04
N ASP B 134 8.89 23.35 -1.21
CA ASP B 134 9.30 22.90 -2.54
C ASP B 134 10.78 22.95 -2.81
N ALA B 135 11.48 23.69 -1.97
CA ALA B 135 12.86 24.05 -2.24
C ALA B 135 13.29 24.82 -1.01
N GLU B 136 14.56 25.19 -0.92
CA GLU B 136 15.03 25.98 0.20
C GLU B 136 14.40 27.35 0.08
N GLY B 137 13.66 27.77 1.10
CA GLY B 137 12.82 28.95 0.96
C GLY B 137 11.72 28.59 -0.03
N GLY B 138 11.03 29.57 -0.59
CA GLY B 138 10.04 29.21 -1.59
C GLY B 138 8.87 28.34 -1.13
N SER B 139 8.33 27.55 -2.05
CA SER B 139 6.89 27.22 -2.07
C SER B 139 6.34 26.05 -1.26
N LEU B 140 5.19 26.27 -0.62
CA LEU B 140 4.43 25.21 0.03
C LEU B 140 3.45 24.60 -0.96
N PRO B 141 3.62 23.31 -1.28
CA PRO B 141 2.81 22.69 -2.33
C PRO B 141 1.43 22.33 -1.81
N ASP B 142 0.43 22.38 -2.68
CA ASP B 142 -0.90 21.95 -2.34
C ASP B 142 -0.94 20.42 -2.22
N ILE B 143 -0.39 19.74 -3.22
CA ILE B 143 -0.40 18.28 -3.28
C ILE B 143 0.80 17.67 -2.53
N LEU B 144 0.56 16.61 -1.77
CA LEU B 144 1.64 15.90 -1.07
C LEU B 144 2.77 15.53 -2.02
N GLN B 145 4.00 15.76 -1.58
CA GLN B 145 5.18 15.47 -2.39
C GLN B 145 5.87 14.21 -1.88
N GLU B 146 6.55 13.50 -2.76
CA GLU B 146 7.34 12.33 -2.37
C GLU B 146 8.63 12.32 -3.16
N ALA B 147 9.66 11.69 -2.60
CA ALA B 147 10.91 11.55 -3.32
C ALA B 147 11.66 10.32 -2.85
N GLU B 148 12.30 9.64 -3.78
CA GLU B 148 13.17 8.52 -3.46
C GLU B 148 14.55 9.06 -3.12
N VAL B 149 15.08 8.64 -1.96
CA VAL B 149 16.41 9.04 -1.51
C VAL B 149 17.14 7.83 -0.98
N PRO B 150 18.46 7.74 -1.24
CA PRO B 150 19.30 6.64 -0.77
C PRO B 150 19.78 6.88 0.65
N LEU B 151 19.80 5.83 1.46
CA LEU B 151 20.33 5.93 2.80
C LEU B 151 21.83 6.14 2.72
N VAL B 152 22.34 7.01 3.58
CA VAL B 152 23.77 7.29 3.60
C VAL B 152 24.47 6.56 4.75
N ASP B 153 25.67 6.05 4.48
CA ASP B 153 26.51 5.39 5.49
C ASP B 153 26.71 6.24 6.76
N GLN B 154 26.59 5.63 7.93
CA GLN B 154 26.51 6.42 9.16
C GLN B 154 27.75 7.24 9.52
N ASP B 155 28.95 6.70 9.33
CA ASP B 155 30.13 7.52 9.55
C ASP B 155 30.14 8.70 8.57
N GLU B 156 29.72 8.44 7.33
CA GLU B 156 29.67 9.49 6.31
C GLU B 156 28.72 10.64 6.69
N CYS B 157 27.60 10.31 7.33
CA CYS B 157 26.66 11.31 7.82
C CYS B 157 27.39 12.28 8.74
N GLN B 158 28.16 11.72 9.68
CA GLN B 158 28.84 12.56 10.67
C GLN B 158 29.91 13.42 10.01
N ARG B 159 30.55 12.85 8.98
CA ARG B 159 31.60 13.51 8.23
C ARG B 159 31.04 14.70 7.49
N LEU B 160 29.87 14.51 6.89
CA LEU B 160 29.23 15.56 6.10
C LEU B 160 28.45 16.54 6.98
N LEU B 161 28.15 16.13 8.21
CA LEU B 161 27.48 16.99 9.17
C LEU B 161 28.33 17.21 10.42
N PRO B 162 29.54 17.78 10.26
CA PRO B 162 30.45 17.89 11.40
C PRO B 162 29.97 18.86 12.47
N GLU B 163 29.04 19.74 12.10
CA GLU B 163 28.50 20.72 13.04
C GLU B 163 27.64 20.08 14.13
N TYR B 164 27.24 18.83 13.92
CA TYR B 164 26.35 18.14 14.85
C TYR B 164 27.03 16.90 15.41
N THR B 165 26.66 16.48 16.62
CA THR B 165 27.09 15.17 17.07
C THR B 165 26.06 14.17 16.57
N PHE B 166 26.46 13.41 15.56
CA PHE B 166 25.57 12.49 14.89
C PHE B 166 25.56 11.15 15.62
N THR B 167 24.41 10.79 16.18
CA THR B 167 24.34 9.61 17.05
C THR B 167 23.71 8.37 16.39
N SER B 168 23.72 7.28 17.15
CA SER B 168 23.13 6.03 16.72
C SER B 168 21.59 6.12 16.61
N SER B 169 21.01 7.13 17.26
CA SER B 169 19.57 7.36 17.20
C SER B 169 19.19 8.26 16.03
N MET B 170 20.12 8.42 15.09
CA MET B 170 19.90 9.22 13.89
C MET B 170 20.28 8.45 12.62
N LEU B 171 19.63 8.81 11.51
CA LEU B 171 19.90 8.30 10.15
C LEU B 171 20.10 9.51 9.25
N CYS B 172 20.80 9.37 8.14
CA CYS B 172 20.70 10.43 7.12
C CYS B 172 20.49 9.86 5.73
N ALA B 173 19.94 10.67 4.83
CA ALA B 173 19.66 10.20 3.47
C ALA B 173 19.79 11.35 2.48
N GLY B 174 20.26 11.03 1.27
CA GLY B 174 20.45 12.03 0.24
C GLY B 174 21.54 11.66 -0.75
N TYR B 175 21.58 12.36 -1.87
CA TYR B 175 22.59 12.09 -2.90
C TYR B 175 23.78 13.01 -2.68
N PRO B 176 25.00 12.49 -2.90
CA PRO B 176 26.19 13.34 -2.72
C PRO B 176 26.11 14.59 -3.59
N GLU B 177 25.48 14.45 -4.76
CA GLU B 177 25.34 15.55 -5.73
C GLU B 177 24.32 16.60 -5.26
N GLY B 178 23.59 16.29 -4.20
CA GLY B 178 22.49 17.12 -3.74
C GLY B 178 21.25 16.93 -4.60
N GLY B 179 20.20 17.72 -4.34
CA GLY B 179 19.06 17.81 -5.24
C GLY B 179 17.74 17.26 -4.75
N VAL B 180 17.79 16.35 -3.77
CA VAL B 180 16.60 15.64 -3.34
C VAL B 180 16.65 15.49 -1.82
N ASP B 181 15.64 16.01 -1.12
CA ASP B 181 15.74 16.18 0.33
C ASP B 181 14.40 16.60 0.92
N SER B 182 14.27 16.49 2.24
CA SER B 182 13.15 17.06 2.96
C SER B 182 13.51 18.51 3.33
N CYS B 183 12.53 19.38 3.41
CA CYS B 183 12.80 20.78 3.72
C CYS B 183 11.92 21.26 4.85
N GLN B 184 11.95 22.57 5.11
CA GLN B 184 11.14 23.13 6.17
C GLN B 184 9.65 22.83 5.95
N GLY B 185 8.97 22.35 6.98
CA GLY B 185 7.57 21.95 6.86
C GLY B 185 7.39 20.45 6.67
N ASP B 186 8.51 19.76 6.41
CA ASP B 186 8.52 18.30 6.25
C ASP B 186 8.86 17.60 7.54
N SER B 187 9.31 18.38 8.53
CA SER B 187 9.73 17.82 9.82
C SER B 187 8.62 16.97 10.42
N GLY B 188 8.99 15.85 11.02
CA GLY B 188 8.03 15.01 11.71
C GLY B 188 7.42 13.95 10.80
N GLY B 189 7.56 14.16 9.49
CA GLY B 189 7.09 13.20 8.49
C GLY B 189 7.95 11.95 8.39
N PRO B 190 7.56 11.02 7.49
CA PRO B 190 8.15 9.68 7.34
C PRO B 190 9.36 9.58 6.41
N LEU B 191 10.26 8.68 6.78
CA LEU B 191 11.26 8.13 5.87
C LEU B 191 10.97 6.64 5.90
N MET B 192 10.48 6.09 4.79
CA MET B 192 10.04 4.69 4.80
C MET B 192 10.79 3.85 3.79
N CYS B 193 10.94 2.56 4.09
CA CYS B 193 11.68 1.62 3.25
C CYS B 193 10.94 0.30 3.23
N LEU B 194 11.13 -0.44 2.15
CA LEU B 194 10.47 -1.73 1.98
C LEU B 194 11.32 -2.74 2.74
N GLU B 195 10.69 -3.50 3.64
CA GLU B 195 11.40 -4.57 4.34
C GLU B 195 10.52 -5.82 4.36
N ASP B 196 11.04 -6.91 3.81
CA ASP B 196 10.23 -8.12 3.62
C ASP B 196 8.91 -7.77 2.93
N ALA B 197 9.01 -6.94 1.89
CA ALA B 197 7.87 -6.56 1.08
C ALA B 197 6.77 -5.81 1.85
N ARG B 198 7.15 -5.19 2.96
CA ARG B 198 6.25 -4.29 3.69
C ARG B 198 6.86 -2.90 3.84
N TRP B 199 6.05 -1.86 3.66
CA TRP B 199 6.55 -0.50 3.88
C TRP B 199 6.82 -0.30 5.36
N THR B 200 8.04 0.10 5.70
CA THR B 200 8.43 0.20 7.10
C THR B 200 9.00 1.58 7.39
N LEU B 201 8.59 2.16 8.51
CA LEU B 201 9.01 3.50 8.88
C LEU B 201 10.34 3.42 9.62
N ILE B 202 11.38 3.98 9.03
CA ILE B 202 12.72 3.87 9.58
C ILE B 202 13.20 5.20 10.15
N GLY B 203 12.61 6.29 9.66
CA GLY B 203 13.06 7.61 10.04
C GLY B 203 11.92 8.57 10.28
N VAL B 204 12.17 9.53 11.17
CA VAL B 204 11.30 10.68 11.35
C VAL B 204 12.09 11.93 10.95
N THR B 205 11.59 12.66 9.95
CA THR B 205 12.28 13.87 9.45
C THR B 205 12.64 14.82 10.58
N SER B 206 13.94 15.13 10.74
CA SER B 206 14.41 15.82 11.93
C SER B 206 15.14 17.13 11.70
N PHE B 207 16.25 17.08 10.95
CA PHE B 207 17.04 18.30 10.72
C PHE B 207 17.99 18.19 9.53
N GLY B 208 18.66 19.29 9.21
CA GLY B 208 19.61 19.32 8.12
C GLY B 208 20.22 20.69 7.97
N VAL B 209 21.23 20.76 7.12
CA VAL B 209 21.84 22.02 6.74
C VAL B 209 21.25 22.37 5.38
N GLY B 210 20.30 23.30 5.38
CA GLY B 210 19.56 23.62 4.17
C GLY B 210 18.76 22.43 3.70
N CYS B 211 18.34 22.45 2.44
CA CYS B 211 17.83 21.22 1.84
C CYS B 211 18.23 21.02 0.40
N GLY B 212 18.66 19.79 0.11
CA GLY B 212 19.02 19.41 -1.23
C GLY B 212 20.40 19.89 -1.61
N ARG B 213 21.13 20.43 -0.64
CA ARG B 213 22.50 20.89 -0.91
C ARG B 213 23.44 19.71 -1.17
N PRO B 214 24.39 19.89 -2.11
CA PRO B 214 25.42 18.86 -2.36
C PRO B 214 26.14 18.52 -1.04
N GLU B 215 26.36 17.24 -0.78
CA GLU B 215 27.05 16.79 0.43
C GLU B 215 26.42 17.27 1.73
N ARG B 216 25.10 17.47 1.71
CA ARG B 216 24.39 17.78 2.94
C ARG B 216 23.10 17.00 2.99
N PRO B 217 23.18 15.69 3.28
CA PRO B 217 22.00 14.83 3.37
C PRO B 217 21.17 15.18 4.60
N GLY B 218 19.86 15.12 4.45
CA GLY B 218 18.95 15.39 5.55
C GLY B 218 19.02 14.34 6.62
N ALA B 219 18.70 14.73 7.86
CA ALA B 219 18.81 13.86 9.04
C ALA B 219 17.45 13.45 9.58
N TYR B 220 17.38 12.23 10.12
CA TYR B 220 16.13 11.64 10.57
C TYR B 220 16.34 10.99 11.94
N ALA B 221 15.37 11.11 12.84
CA ALA B 221 15.43 10.33 14.07
C ALA B 221 15.19 8.88 13.67
N ARG B 222 16.02 7.97 14.20
CA ARG B 222 15.99 6.54 13.86
C ARG B 222 14.90 5.80 14.63
N VAL B 223 13.80 5.47 13.97
CA VAL B 223 12.64 4.86 14.63
C VAL B 223 12.99 3.65 15.51
N SER B 224 13.85 2.76 14.99
CA SER B 224 14.18 1.52 15.69
C SER B 224 14.78 1.78 17.06
N ALA B 225 15.44 2.93 17.19
CA ALA B 225 16.08 3.31 18.44
C ALA B 225 15.03 3.71 19.49
N PHE B 226 13.79 3.92 19.06
CA PHE B 226 12.75 4.40 19.98
C PHE B 226 11.52 3.51 19.99
N THR B 227 11.58 2.39 19.27
CA THR B 227 10.41 1.53 19.13
C THR B 227 9.89 1.05 20.47
N SER B 228 10.81 0.73 21.39
CA SER B 228 10.44 0.29 22.73
C SER B 228 9.63 1.37 23.47
N TRP B 229 10.14 2.60 23.44
CA TRP B 229 9.51 3.73 24.09
C TRP B 229 8.14 4.04 23.46
N ILE B 230 8.06 3.95 22.13
CA ILE B 230 6.79 4.12 21.44
C ILE B 230 5.74 3.12 21.98
N ALA B 231 6.12 1.86 22.03
CA ALA B 231 5.24 0.84 22.57
C ALA B 231 4.85 1.13 24.03
N GLU B 232 5.82 1.56 24.84
CA GLU B 232 5.54 1.85 26.24
C GLU B 232 4.59 3.03 26.39
N THR B 233 4.86 4.11 25.65
CA THR B 233 4.08 5.33 25.82
C THR B 233 2.69 5.17 25.25
N ARG B 234 2.55 4.30 24.26
CA ARG B 234 1.25 3.95 23.72
C ARG B 234 0.39 3.29 24.78
N ARG B 235 -0.92 3.33 24.58
CA ARG B 235 -1.84 2.49 25.32
C ARG B 235 -1.71 2.61 26.84
#